data_6R8E
#
_entry.id   6R8E
#
_entity_poly.entity_id   1
_entity_poly.type   'polydeoxyribonucleotide'
_entity_poly.pdbx_seq_one_letter_code
;(DG)(DT)(DG)(DT)(DG)(DT)(DG)(DG)(DG)(DT)(DG)(DT)(DG)(DT)
;
_entity_poly.pdbx_strand_id   A
#
loop_
_chem_comp.id
_chem_comp.type
_chem_comp.name
_chem_comp.formula
DG DNA linking 2'-DEOXYGUANOSINE-5'-MONOPHOSPHATE 'C10 H14 N5 O7 P'
DT DNA linking THYMIDINE-5'-MONOPHOSPHATE 'C10 H15 N2 O8 P'
#